data_8BAQ
#
_entry.id   8BAQ
#
_cell.length_a   62.308
_cell.length_b   62.308
_cell.length_c   113.081
_cell.angle_alpha   90.000
_cell.angle_beta   90.000
_cell.angle_gamma   120.000
#
_symmetry.space_group_name_H-M   'P 31 2 1'
#
loop_
_entity.id
_entity.type
_entity.pdbx_description
1 polymer 'DarT ssDNA thymidine ADP-ribosyltransferase family protein'
2 non-polymer 1,2-ETHANEDIOL
3 non-polymer NICOTINAMIDE-ADENINE-DINUCLEOTIDE
4 water water
#
_entity_poly.entity_id   1
_entity_poly.type   'polypeptide(L)'
_entity_poly.pdbx_seq_one_letter_code
;SMTIQEIIQQRNIRSLFHFTHSDNLTSILDNGLMSRSELDNENNEYNCNDEERIDGHPDAICLSVSYPNAKMFYKYRCLK
PGDWVILEINPSVLWAKDCAFYPTNAASNNVRFINLDLMKGAEAFSALFSENVFGIQRDVNLPSEYTTDVQAAILVFEKI
PPSYIISTFHPNKESAEHFKRLYPQTIQRYYDNLNARTLYSQRHYYLG
;
_entity_poly.pdbx_strand_id   A
#
# COMPACT_ATOMS: atom_id res chain seq x y z
N SER A 1 -2.02 -1.93 -25.42
CA SER A 1 -1.84 -3.37 -25.78
C SER A 1 -2.12 -4.25 -24.56
N MET A 2 -1.15 -4.35 -23.65
CA MET A 2 -1.18 -5.26 -22.51
C MET A 2 -2.19 -4.78 -21.47
N THR A 3 -2.89 -5.73 -20.86
CA THR A 3 -3.81 -5.42 -19.77
C THR A 3 -3.04 -5.36 -18.46
N ILE A 4 -3.71 -4.84 -17.44
CA ILE A 4 -3.16 -4.79 -16.09
C ILE A 4 -2.81 -6.22 -15.67
N GLN A 5 -3.71 -7.16 -15.97
CA GLN A 5 -3.56 -8.55 -15.58
C GLN A 5 -2.26 -9.12 -16.16
N GLU A 6 -1.97 -8.82 -17.43
CA GLU A 6 -0.81 -9.38 -18.10
C GLU A 6 0.47 -8.77 -17.57
N ILE A 7 0.41 -7.50 -17.14
CA ILE A 7 1.56 -6.86 -16.53
C ILE A 7 1.88 -7.57 -15.22
N ILE A 8 0.84 -7.84 -14.43
CA ILE A 8 0.97 -8.53 -13.15
C ILE A 8 1.57 -9.91 -13.38
N GLN A 9 1.01 -10.67 -14.32
CA GLN A 9 1.51 -11.97 -14.69
C GLN A 9 3.00 -11.89 -14.98
N GLN A 10 3.35 -11.04 -15.96
CA GLN A 10 4.69 -10.98 -16.53
C GLN A 10 5.71 -10.56 -15.47
N ARG A 11 5.31 -9.68 -14.56
CA ARG A 11 6.22 -9.09 -13.58
C ARG A 11 6.27 -9.86 -12.27
N ASN A 12 5.38 -10.84 -12.08
CA ASN A 12 5.37 -11.71 -10.90
C ASN A 12 4.88 -10.95 -9.68
N ILE A 13 3.93 -10.05 -9.87
CA ILE A 13 3.37 -9.30 -8.77
C ILE A 13 2.36 -10.18 -8.04
N ARG A 14 2.50 -10.27 -6.71
CA ARG A 14 1.63 -11.10 -5.90
C ARG A 14 1.03 -10.35 -4.71
N SER A 15 1.53 -9.15 -4.39
CA SER A 15 1.15 -8.43 -3.19
C SER A 15 1.03 -6.93 -3.45
N LEU A 16 -0.09 -6.35 -3.00
CA LEU A 16 -0.17 -4.93 -2.71
C LEU A 16 -0.05 -4.80 -1.19
N PHE A 17 0.34 -3.62 -0.69
CA PHE A 17 0.49 -3.42 0.75
C PHE A 17 -0.20 -2.14 1.20
N HIS A 18 -0.72 -2.21 2.42
CA HIS A 18 -1.22 -1.02 3.10
C HIS A 18 -0.74 -1.04 4.55
N PHE A 19 0.09 -0.06 4.93
CA PHE A 19 0.47 0.08 6.33
C PHE A 19 -0.61 0.87 7.04
N THR A 20 -0.83 0.52 8.31
CA THR A 20 -1.75 1.25 9.17
C THR A 20 -1.37 0.95 10.62
N HIS A 21 -1.72 1.86 11.54
CA HIS A 21 -1.48 1.65 12.97
C HIS A 21 -2.45 0.58 13.46
N SER A 22 -1.97 -0.31 14.35
CA SER A 22 -2.76 -1.44 14.83
C SER A 22 -4.10 -1.00 15.41
N ASP A 23 -4.15 0.22 15.96
CA ASP A 23 -5.38 0.82 16.43
C ASP A 23 -6.52 0.71 15.40
N ASN A 24 -6.18 0.59 14.12
CA ASN A 24 -7.18 0.65 13.05
C ASN A 24 -7.63 -0.74 12.61
N LEU A 25 -6.89 -1.78 13.03
CA LEU A 25 -6.98 -3.07 12.38
C LEU A 25 -8.33 -3.73 12.62
N THR A 26 -8.87 -3.62 13.83
CA THR A 26 -10.17 -4.18 14.16
C THR A 26 -11.23 -3.69 13.17
N SER A 27 -11.28 -2.37 13.02
CA SER A 27 -12.27 -1.71 12.20
C SER A 27 -12.11 -2.10 10.73
N ILE A 28 -10.86 -2.28 10.29
CA ILE A 28 -10.53 -2.63 8.92
C ILE A 28 -10.89 -4.09 8.66
N LEU A 29 -10.65 -4.97 9.64
CA LEU A 29 -10.96 -6.38 9.46
C LEU A 29 -12.48 -6.60 9.45
N ASP A 30 -13.23 -5.77 10.20
CA ASP A 30 -14.67 -5.85 10.28
C ASP A 30 -15.34 -5.29 9.03
N ASN A 31 -14.93 -4.08 8.63
CA ASN A 31 -15.64 -3.29 7.65
C ASN A 31 -14.85 -3.16 6.34
N GLY A 32 -13.56 -3.54 6.35
CA GLY A 32 -12.71 -3.33 5.19
C GLY A 32 -12.09 -1.94 5.16
N LEU A 33 -11.25 -1.71 4.15
CA LEU A 33 -10.57 -0.43 3.97
C LEU A 33 -11.51 0.59 3.35
N MET A 34 -11.43 1.81 3.87
CA MET A 34 -12.24 2.93 3.42
C MET A 34 -11.38 4.19 3.33
N SER A 35 -11.83 5.13 2.50
CA SER A 35 -11.17 6.40 2.32
C SER A 35 -11.46 7.33 3.50
N ARG A 36 -10.67 8.40 3.62
CA ARG A 36 -10.91 9.47 4.56
C ARG A 36 -12.33 10.02 4.48
N SER A 37 -12.80 10.30 3.25
CA SER A 37 -14.12 10.88 3.02
C SER A 37 -15.21 9.94 3.53
N GLU A 38 -15.01 8.63 3.33
CA GLU A 38 -16.00 7.64 3.67
C GLU A 38 -15.99 7.38 5.17
N LEU A 39 -14.81 7.42 5.78
CA LEU A 39 -14.71 7.30 7.22
C LEU A 39 -15.39 8.49 7.90
N ASP A 40 -15.33 9.67 7.27
CA ASP A 40 -15.93 10.87 7.83
C ASP A 40 -17.43 10.91 7.57
N ASN A 41 -17.87 10.33 6.44
CA ASN A 41 -19.29 10.20 6.12
C ASN A 41 -20.04 9.52 7.25
N GLU A 42 -19.50 8.39 7.69
CA GLU A 42 -20.12 7.56 8.72
C GLU A 42 -19.61 8.00 10.08
N ASN A 43 -18.72 9.02 10.06
CA ASN A 43 -18.10 9.63 11.23
C ASN A 43 -17.47 8.54 12.09
N ASN A 44 -16.81 7.58 11.42
CA ASN A 44 -16.08 6.52 12.09
C ASN A 44 -14.82 7.13 12.71
N GLU A 45 -14.37 6.52 13.82
CA GLU A 45 -13.08 6.83 14.41
C GLU A 45 -11.97 6.13 13.63
N TYR A 46 -10.86 6.83 13.46
CA TYR A 46 -9.67 6.26 12.85
C TYR A 46 -8.43 7.04 13.25
N ASN A 47 -7.27 6.36 13.21
CA ASN A 47 -5.97 6.96 13.42
C ASN A 47 -5.35 7.14 12.03
N CYS A 48 -5.24 8.41 11.61
CA CYS A 48 -4.68 8.79 10.33
C CYS A 48 -3.30 9.42 10.51
N ASN A 49 -2.58 9.55 9.39
CA ASN A 49 -1.17 9.88 9.39
C ASN A 49 -0.93 11.21 8.68
N ASP A 50 -1.60 11.40 7.54
CA ASP A 50 -1.45 12.60 6.73
C ASP A 50 -2.73 13.43 6.84
N GLU A 51 -2.62 14.60 7.49
CA GLU A 51 -3.77 15.38 7.89
C GLU A 51 -4.42 16.06 6.70
N GLU A 52 -3.60 16.71 5.85
CA GLU A 52 -4.11 17.57 4.81
C GLU A 52 -4.45 16.78 3.53
N ARG A 53 -3.64 15.77 3.21
CA ARG A 53 -3.78 14.99 1.97
C ARG A 53 -3.68 15.94 0.77
N ILE A 54 -2.45 16.41 0.52
CA ILE A 54 -2.10 17.28 -0.59
C ILE A 54 -2.32 16.56 -1.92
N ASP A 55 -2.35 15.22 -1.89
CA ASP A 55 -2.68 14.42 -3.07
C ASP A 55 -4.06 14.85 -3.59
N GLY A 56 -4.92 15.32 -2.68
CA GLY A 56 -6.20 15.90 -3.04
C GLY A 56 -7.22 14.81 -3.38
N HIS A 57 -6.97 13.58 -2.88
CA HIS A 57 -7.81 12.43 -3.17
C HIS A 57 -8.18 11.74 -1.87
N PRO A 58 -8.87 12.45 -0.94
CA PRO A 58 -9.31 11.87 0.32
C PRO A 58 -10.38 10.79 0.15
N ASP A 59 -10.98 10.72 -1.05
CA ASP A 59 -11.94 9.67 -1.36
C ASP A 59 -11.22 8.44 -1.91
N ALA A 60 -9.88 8.38 -1.76
CA ALA A 60 -9.11 7.25 -2.25
C ALA A 60 -8.33 6.61 -1.10
N ILE A 61 -8.19 5.28 -1.18
CA ILE A 61 -7.39 4.46 -0.30
C ILE A 61 -6.01 4.29 -0.92
N CYS A 62 -4.94 4.48 -0.13
CA CYS A 62 -3.59 4.43 -0.68
C CYS A 62 -2.95 3.06 -0.44
N LEU A 63 -2.53 2.41 -1.53
CA LEU A 63 -1.81 1.16 -1.49
C LEU A 63 -0.48 1.30 -2.23
N SER A 64 0.36 0.28 -2.06
CA SER A 64 1.63 0.15 -2.75
C SER A 64 1.68 -1.23 -3.42
N VAL A 65 2.57 -1.34 -4.41
CA VAL A 65 2.80 -2.58 -5.12
C VAL A 65 4.09 -3.23 -4.64
N SER A 66 3.98 -4.46 -4.11
CA SER A 66 5.10 -5.36 -3.90
C SER A 66 5.98 -4.93 -2.72
N TYR A 67 5.92 -3.65 -2.32
CA TYR A 67 6.64 -3.22 -1.13
C TYR A 67 5.98 -1.96 -0.58
N PRO A 68 5.90 -1.76 0.76
CA PRO A 68 5.35 -0.53 1.33
C PRO A 68 6.12 0.71 0.88
N ASN A 69 5.48 1.88 0.98
CA ASN A 69 6.20 3.14 0.94
C ASN A 69 7.06 3.25 2.21
N ALA A 70 8.29 2.75 2.13
CA ALA A 70 9.16 2.60 3.29
C ALA A 70 9.50 3.96 3.90
N LYS A 71 9.60 5.00 3.07
CA LYS A 71 9.94 6.34 3.51
C LYS A 71 8.85 6.90 4.42
N MET A 72 7.63 6.93 3.90
CA MET A 72 6.54 7.58 4.60
C MET A 72 6.10 6.74 5.79
N PHE A 73 6.16 5.41 5.65
CA PHE A 73 5.85 4.51 6.76
C PHE A 73 6.85 4.74 7.90
N TYR A 74 8.14 4.82 7.56
CA TYR A 74 9.15 5.05 8.57
C TYR A 74 8.88 6.37 9.27
N LYS A 75 8.56 7.41 8.50
CA LYS A 75 8.32 8.72 9.05
C LYS A 75 7.20 8.66 10.07
N TYR A 76 6.15 7.88 9.76
CA TYR A 76 4.97 7.84 10.60
C TYR A 76 5.21 7.01 11.85
N ARG A 77 6.04 5.96 11.75
CA ARG A 77 6.39 5.14 12.90
C ARG A 77 7.22 5.92 13.92
N CYS A 78 7.93 6.98 13.48
CA CYS A 78 8.72 7.78 14.39
C CYS A 78 7.86 8.76 15.17
N LEU A 79 6.62 9.02 14.73
CA LEU A 79 5.78 10.02 15.38
C LEU A 79 4.92 9.36 16.43
N LYS A 80 4.00 8.48 16.00
CA LYS A 80 3.04 7.86 16.89
C LYS A 80 3.64 6.58 17.49
N PRO A 81 3.68 6.44 18.83
CA PRO A 81 4.05 5.19 19.47
C PRO A 81 3.08 4.04 19.15
N GLY A 82 3.56 2.81 19.36
CA GLY A 82 2.72 1.63 19.31
C GLY A 82 3.00 0.77 18.08
N ASP A 83 2.19 -0.29 17.95
CA ASP A 83 2.37 -1.32 16.94
C ASP A 83 1.81 -0.86 15.60
N TRP A 84 2.55 -1.13 14.52
CA TRP A 84 2.10 -0.90 13.17
C TRP A 84 1.99 -2.23 12.43
N VAL A 85 0.94 -2.35 11.60
CA VAL A 85 0.73 -3.55 10.80
C VAL A 85 0.76 -3.19 9.31
N ILE A 86 0.95 -4.22 8.50
CA ILE A 86 0.98 -4.10 7.05
C ILE A 86 -0.01 -5.11 6.48
N LEU A 87 -1.09 -4.61 5.85
CA LEU A 87 -2.06 -5.47 5.20
C LEU A 87 -1.50 -5.90 3.85
N GLU A 88 -1.55 -7.21 3.57
CA GLU A 88 -1.25 -7.72 2.24
C GLU A 88 -2.58 -7.87 1.49
N ILE A 89 -2.61 -7.35 0.25
CA ILE A 89 -3.86 -7.25 -0.47
C ILE A 89 -3.75 -7.87 -1.85
N ASN A 90 -4.81 -8.59 -2.25
CA ASN A 90 -4.91 -9.26 -3.53
C ASN A 90 -4.59 -8.24 -4.63
N PRO A 91 -3.61 -8.49 -5.53
CA PRO A 91 -3.43 -7.67 -6.71
C PRO A 91 -4.67 -7.49 -7.60
N SER A 92 -5.66 -8.38 -7.46
CA SER A 92 -6.90 -8.29 -8.21
C SER A 92 -7.59 -6.93 -8.02
N VAL A 93 -7.35 -6.25 -6.88
CA VAL A 93 -7.92 -4.94 -6.61
C VAL A 93 -7.61 -3.95 -7.76
N LEU A 94 -6.47 -4.13 -8.44
CA LEU A 94 -5.99 -3.19 -9.46
C LEU A 94 -6.93 -3.10 -10.66
N TRP A 95 -7.72 -4.15 -10.91
CA TRP A 95 -8.69 -4.14 -12.01
C TRP A 95 -10.12 -4.28 -11.50
N ALA A 96 -10.31 -4.86 -10.32
CA ALA A 96 -11.63 -5.09 -9.78
C ALA A 96 -12.19 -3.78 -9.22
N LYS A 97 -11.29 -2.85 -8.90
CA LYS A 97 -11.68 -1.57 -8.36
C LYS A 97 -11.15 -0.45 -9.25
N ASP A 98 -11.74 0.73 -9.06
CA ASP A 98 -11.36 1.94 -9.77
C ASP A 98 -10.09 2.51 -9.15
N CYS A 99 -8.95 2.32 -9.85
CA CYS A 99 -7.63 2.66 -9.34
C CYS A 99 -6.94 3.67 -10.23
N ALA A 100 -6.17 4.56 -9.60
CA ALA A 100 -5.21 5.38 -10.32
C ALA A 100 -3.81 4.93 -9.92
N PHE A 101 -2.90 5.00 -10.88
CA PHE A 101 -1.56 4.49 -10.77
C PHE A 101 -0.56 5.64 -10.91
N TYR A 102 0.11 5.96 -9.79
CA TYR A 102 1.10 7.03 -9.75
C TYR A 102 2.50 6.45 -9.62
N PRO A 103 3.46 6.85 -10.49
CA PRO A 103 4.79 6.24 -10.47
C PRO A 103 5.70 6.75 -9.36
N THR A 104 5.22 7.78 -8.65
CA THR A 104 5.85 8.28 -7.43
C THR A 104 4.73 8.70 -6.48
N ASN A 105 5.08 9.31 -5.34
CA ASN A 105 4.05 9.73 -4.41
C ASN A 105 3.10 10.68 -5.14
N ALA A 106 1.80 10.52 -4.85
CA ALA A 106 0.74 11.17 -5.60
C ALA A 106 0.65 12.66 -5.32
N ALA A 107 1.24 13.14 -4.21
CA ALA A 107 1.24 14.56 -3.90
C ALA A 107 2.42 15.27 -4.58
N SER A 108 3.35 14.52 -5.17
CA SER A 108 4.47 15.09 -5.89
C SER A 108 4.02 16.07 -6.96
N ASN A 109 4.77 17.17 -7.10
CA ASN A 109 4.57 18.18 -8.12
C ASN A 109 4.63 17.55 -9.52
N ASN A 110 5.41 16.47 -9.66
CA ASN A 110 5.65 15.83 -10.94
C ASN A 110 4.43 15.12 -11.53
N VAL A 111 3.36 14.91 -10.74
CA VAL A 111 2.22 14.11 -11.19
C VAL A 111 0.90 14.64 -10.66
N ARG A 112 0.94 15.50 -9.63
CA ARG A 112 -0.24 15.96 -8.91
C ARG A 112 -1.20 16.74 -9.83
N PHE A 113 -0.69 17.35 -10.92
CA PHE A 113 -1.50 18.24 -11.73
C PHE A 113 -2.06 17.55 -12.98
N ILE A 114 -1.58 16.34 -13.27
CA ILE A 114 -1.99 15.56 -14.42
C ILE A 114 -3.47 15.22 -14.27
N ASN A 115 -4.19 15.22 -15.40
CA ASN A 115 -5.58 14.79 -15.47
C ASN A 115 -5.67 13.37 -14.93
N LEU A 116 -6.54 13.17 -13.93
CA LEU A 116 -6.65 11.91 -13.20
C LEU A 116 -7.04 10.77 -14.13
N ASP A 117 -7.86 11.05 -15.15
CA ASP A 117 -8.32 10.03 -16.08
C ASP A 117 -7.13 9.43 -16.84
N LEU A 118 -6.05 10.19 -16.99
CA LEU A 118 -4.84 9.71 -17.64
C LEU A 118 -4.01 8.80 -16.70
N MET A 119 -4.37 8.74 -15.41
CA MET A 119 -3.62 7.96 -14.43
C MET A 119 -4.25 6.58 -14.23
N LYS A 120 -5.35 6.28 -14.95
CA LYS A 120 -6.05 5.02 -14.80
C LYS A 120 -5.67 4.12 -15.96
N GLY A 121 -5.75 2.80 -15.76
CA GLY A 121 -5.49 1.85 -16.84
C GLY A 121 -4.02 1.46 -17.00
N ALA A 122 -3.80 0.59 -17.99
CA ALA A 122 -2.60 -0.20 -18.09
C ALA A 122 -1.41 0.66 -18.46
N GLU A 123 -1.63 1.74 -19.25
CA GLU A 123 -0.56 2.63 -19.66
C GLU A 123 0.05 3.28 -18.41
N ALA A 124 -0.82 3.77 -17.51
CA ALA A 124 -0.40 4.43 -16.29
C ALA A 124 0.28 3.44 -15.34
N PHE A 125 -0.34 2.25 -15.20
CA PHE A 125 0.20 1.22 -14.35
C PHE A 125 1.63 0.89 -14.79
N SER A 126 1.83 0.77 -16.11
CA SER A 126 3.11 0.39 -16.68
C SER A 126 4.22 1.41 -16.36
N ALA A 127 3.81 2.68 -16.20
CA ALA A 127 4.73 3.79 -15.96
C ALA A 127 5.45 3.62 -14.61
N LEU A 128 4.89 2.82 -13.70
CA LEU A 128 5.49 2.57 -12.39
C LEU A 128 6.82 1.83 -12.50
N PHE A 129 7.13 1.26 -13.68
CA PHE A 129 8.29 0.40 -13.78
C PHE A 129 9.32 0.95 -14.76
N SER A 130 9.17 2.22 -15.20
CA SER A 130 10.11 2.83 -16.14
C SER A 130 11.54 2.81 -15.61
N GLU A 131 12.51 2.93 -16.54
CA GLU A 131 13.92 2.96 -16.20
C GLU A 131 14.26 4.23 -15.42
N ASN A 132 13.51 5.30 -15.66
CA ASN A 132 13.77 6.59 -15.05
C ASN A 132 12.43 7.27 -14.75
N VAL A 133 12.14 7.50 -13.47
CA VAL A 133 10.88 8.13 -13.07
C VAL A 133 11.23 9.46 -12.42
N PHE A 134 11.26 10.50 -13.25
CA PHE A 134 11.57 11.86 -12.81
C PHE A 134 12.95 11.93 -12.15
N GLY A 135 13.94 11.22 -12.68
CA GLY A 135 15.29 11.25 -12.13
C GLY A 135 15.56 10.13 -11.12
N ILE A 136 14.51 9.44 -10.67
CA ILE A 136 14.68 8.25 -9.86
C ILE A 136 14.93 7.08 -10.82
N GLN A 137 16.12 6.47 -10.71
CA GLN A 137 16.63 5.54 -11.70
C GLN A 137 16.39 4.11 -11.22
N ARG A 138 15.97 3.22 -12.13
CA ARG A 138 15.71 1.82 -11.79
C ARG A 138 17.01 1.05 -11.93
N ASP A 139 17.46 0.41 -10.85
CA ASP A 139 18.61 -0.47 -10.93
C ASP A 139 18.26 -1.66 -11.81
N VAL A 140 19.23 -2.09 -12.62
CA VAL A 140 19.01 -3.17 -13.57
C VAL A 140 18.71 -4.47 -12.82
N ASN A 141 19.19 -4.57 -11.58
CA ASN A 141 19.01 -5.77 -10.76
C ASN A 141 17.76 -5.70 -9.87
N LEU A 142 17.01 -4.61 -9.87
CA LEU A 142 15.73 -4.56 -9.15
C LEU A 142 14.79 -5.58 -9.78
N PRO A 143 14.23 -6.54 -9.02
CA PRO A 143 13.24 -7.47 -9.56
C PRO A 143 11.98 -6.84 -10.13
N SER A 144 11.36 -7.59 -11.04
CA SER A 144 10.31 -7.11 -11.93
C SER A 144 9.11 -6.56 -11.16
N GLU A 145 8.82 -7.13 -9.98
CA GLU A 145 7.56 -6.86 -9.29
C GLU A 145 7.61 -5.55 -8.53
N TYR A 146 8.81 -4.96 -8.41
CA TYR A 146 9.04 -3.74 -7.66
C TYR A 146 8.92 -2.51 -8.56
N THR A 147 8.23 -1.50 -8.04
CA THR A 147 8.17 -0.19 -8.67
C THR A 147 9.56 0.46 -8.60
N THR A 148 9.86 1.25 -9.63
CA THR A 148 11.14 1.93 -9.76
C THR A 148 11.33 2.84 -8.54
N ASP A 149 10.29 3.64 -8.24
CA ASP A 149 10.25 4.52 -7.09
C ASP A 149 9.44 3.83 -5.99
N VAL A 150 10.03 3.67 -4.80
CA VAL A 150 9.39 2.96 -3.70
C VAL A 150 8.08 3.63 -3.30
N GLN A 151 7.94 4.94 -3.60
CA GLN A 151 6.79 5.72 -3.19
C GLN A 151 5.65 5.69 -4.24
N ALA A 152 5.82 4.94 -5.32
CA ALA A 152 4.75 4.70 -6.28
C ALA A 152 3.49 4.25 -5.54
N ALA A 153 2.35 4.89 -5.86
CA ALA A 153 1.12 4.72 -5.13
C ALA A 153 -0.01 4.24 -6.05
N ILE A 154 -0.94 3.49 -5.46
CA ILE A 154 -2.22 3.13 -6.06
C ILE A 154 -3.29 3.86 -5.27
N LEU A 155 -4.10 4.69 -5.92
CA LEU A 155 -5.22 5.34 -5.26
C LEU A 155 -6.49 4.60 -5.69
N VAL A 156 -7.15 3.99 -4.71
CA VAL A 156 -8.30 3.14 -4.96
C VAL A 156 -9.53 3.92 -4.52
N PHE A 157 -10.43 4.15 -5.48
CA PHE A 157 -11.50 5.13 -5.33
C PHE A 157 -12.80 4.46 -4.90
N GLU A 158 -12.75 3.18 -4.51
CA GLU A 158 -13.86 2.50 -3.87
C GLU A 158 -13.34 1.73 -2.66
N LYS A 159 -14.26 1.42 -1.73
CA LYS A 159 -14.03 0.49 -0.64
C LYS A 159 -13.34 -0.79 -1.11
N ILE A 160 -12.50 -1.34 -0.23
CA ILE A 160 -11.92 -2.67 -0.39
C ILE A 160 -12.48 -3.56 0.73
N PRO A 161 -13.48 -4.41 0.44
CA PRO A 161 -13.96 -5.39 1.42
C PRO A 161 -12.81 -6.19 2.02
N PRO A 162 -12.94 -6.67 3.28
CA PRO A 162 -11.87 -7.42 3.95
C PRO A 162 -11.47 -8.74 3.30
N SER A 163 -12.31 -9.24 2.38
CA SER A 163 -12.02 -10.45 1.63
C SER A 163 -10.80 -10.26 0.73
N TYR A 164 -10.48 -9.01 0.36
CA TYR A 164 -9.33 -8.72 -0.47
C TYR A 164 -8.02 -8.66 0.33
N ILE A 165 -8.09 -8.73 1.67
CA ILE A 165 -6.90 -8.76 2.52
C ILE A 165 -6.45 -10.21 2.65
N ILE A 166 -5.34 -10.58 2.02
CA ILE A 166 -4.93 -11.98 2.00
C ILE A 166 -4.12 -12.35 3.24
N SER A 167 -3.54 -11.36 3.93
CA SER A 167 -2.84 -11.57 5.19
C SER A 167 -2.52 -10.23 5.84
N THR A 168 -2.20 -10.26 7.14
CA THR A 168 -1.71 -9.10 7.86
C THR A 168 -0.39 -9.44 8.56
N PHE A 169 0.60 -8.53 8.45
CA PHE A 169 1.91 -8.70 9.05
C PHE A 169 1.99 -7.86 10.32
N HIS A 170 2.56 -8.46 11.38
CA HIS A 170 2.67 -7.81 12.69
C HIS A 170 4.13 -7.61 13.07
N PRO A 171 4.43 -6.61 13.93
CA PRO A 171 5.80 -6.32 14.33
C PRO A 171 6.31 -7.30 15.38
N ASN A 172 5.41 -8.06 16.02
CA ASN A 172 5.80 -9.07 16.98
C ASN A 172 4.71 -10.12 17.11
N LYS A 173 5.07 -11.23 17.77
CA LYS A 173 4.23 -12.41 17.92
C LYS A 173 2.96 -12.09 18.71
N GLU A 174 3.07 -11.27 19.76
CA GLU A 174 1.95 -11.00 20.64
C GLU A 174 0.83 -10.31 19.86
N SER A 175 1.20 -9.31 19.04
CA SER A 175 0.25 -8.62 18.17
C SER A 175 -0.51 -9.62 17.26
N ALA A 176 0.23 -10.45 16.52
CA ALA A 176 -0.36 -11.41 15.61
C ALA A 176 -1.38 -12.31 16.33
N GLU A 177 -0.97 -12.84 17.50
CA GLU A 177 -1.79 -13.81 18.24
C GLU A 177 -3.05 -13.12 18.78
N HIS A 178 -2.91 -11.87 19.21
CA HIS A 178 -4.04 -11.09 19.67
C HIS A 178 -5.10 -11.04 18.57
N PHE A 179 -4.69 -10.65 17.36
CA PHE A 179 -5.65 -10.50 16.27
C PHE A 179 -6.10 -11.87 15.73
N LYS A 180 -5.26 -12.90 15.85
CA LYS A 180 -5.65 -14.22 15.40
C LYS A 180 -6.83 -14.71 16.25
N ARG A 181 -6.77 -14.47 17.57
CA ARG A 181 -7.85 -14.92 18.45
C ARG A 181 -9.12 -14.16 18.12
N LEU A 182 -9.00 -12.91 17.68
CA LEU A 182 -10.19 -12.11 17.38
C LEU A 182 -10.76 -12.44 16.00
N TYR A 183 -9.90 -12.95 15.09
CA TYR A 183 -10.23 -13.19 13.68
C TYR A 183 -9.56 -14.49 13.25
N PRO A 184 -10.01 -15.65 13.80
CA PRO A 184 -9.36 -16.93 13.57
C PRO A 184 -9.37 -17.48 12.13
N GLN A 185 -10.20 -16.88 11.27
CA GLN A 185 -10.31 -17.30 9.90
C GLN A 185 -9.36 -16.52 8.99
N THR A 186 -8.62 -15.57 9.56
CA THR A 186 -7.68 -14.74 8.82
C THR A 186 -6.25 -15.21 9.08
N ILE A 187 -5.33 -14.82 8.20
CA ILE A 187 -3.92 -15.15 8.34
C ILE A 187 -3.22 -13.93 8.94
N GLN A 188 -2.61 -14.12 10.12
CA GLN A 188 -1.90 -13.06 10.83
C GLN A 188 -0.44 -13.50 11.01
N ARG A 189 0.48 -12.77 10.35
CA ARG A 189 1.89 -13.13 10.32
C ARG A 189 2.68 -12.19 11.22
N TYR A 190 3.89 -12.60 11.55
CA TYR A 190 4.74 -11.78 12.39
C TYR A 190 6.21 -12.11 12.12
N TYR A 191 7.06 -11.17 12.53
CA TYR A 191 8.49 -11.38 12.56
C TYR A 191 8.91 -11.62 14.01
N ASP A 192 9.93 -12.46 14.22
CA ASP A 192 10.53 -12.60 15.55
C ASP A 192 10.98 -11.22 16.01
N ASN A 193 11.89 -10.62 15.24
CA ASN A 193 12.32 -9.25 15.50
C ASN A 193 12.47 -8.50 14.18
N LEU A 194 12.53 -7.17 14.31
CA LEU A 194 12.76 -6.27 13.20
C LEU A 194 14.25 -6.02 12.96
N ASN A 195 15.13 -6.75 13.65
CA ASN A 195 16.57 -6.73 13.42
C ASN A 195 16.94 -7.71 12.32
N ALA A 196 16.15 -7.69 11.26
CA ALA A 196 16.28 -8.59 10.13
C ALA A 196 15.75 -7.82 8.92
N ARG A 197 15.89 -8.42 7.74
CA ARG A 197 15.23 -7.92 6.55
C ARG A 197 13.73 -8.19 6.70
N THR A 198 12.94 -7.12 6.93
CA THR A 198 11.49 -7.23 7.05
C THR A 198 10.83 -6.16 6.20
N LEU A 199 9.50 -6.23 6.08
CA LEU A 199 8.73 -5.27 5.30
C LEU A 199 8.72 -3.92 6.02
N TYR A 200 9.30 -3.89 7.22
CA TYR A 200 9.48 -2.64 7.93
C TYR A 200 10.81 -2.01 7.52
N SER A 201 11.65 -2.75 6.80
CA SER A 201 12.96 -2.24 6.40
C SER A 201 12.85 -1.24 5.25
N GLN A 202 13.95 -0.51 5.03
CA GLN A 202 14.13 0.22 3.79
C GLN A 202 14.29 -0.81 2.67
N ARG A 203 13.74 -0.52 1.48
CA ARG A 203 13.62 -1.53 0.46
C ARG A 203 14.99 -2.00 -0.05
N HIS A 204 15.91 -1.07 -0.31
CA HIS A 204 17.27 -1.44 -0.74
C HIS A 204 17.92 -2.40 0.26
N TYR A 205 17.63 -2.22 1.56
CA TYR A 205 18.14 -3.12 2.59
C TYR A 205 17.48 -4.49 2.48
N TYR A 206 16.16 -4.47 2.36
CA TYR A 206 15.37 -5.69 2.23
C TYR A 206 15.83 -6.58 1.09
N LEU A 207 16.17 -5.95 -0.04
CA LEU A 207 16.52 -6.64 -1.28
C LEU A 207 18.01 -6.92 -1.37
N GLY A 208 18.81 -6.29 -0.51
CA GLY A 208 20.26 -6.38 -0.61
C GLY A 208 20.79 -7.78 -0.32
#